data_3WBX
#
_entry.id   3WBX
#
_cell.length_a   55.879
_cell.length_b   75.780
_cell.length_c   125.585
_cell.angle_alpha   90.00
_cell.angle_beta   90.00
_cell.angle_gamma   90.00
#
_symmetry.space_group_name_H-M   'P 21 21 21'
#
loop_
_entity.id
_entity.type
_entity.pdbx_description
1 polymer 'Putative 2,5-diketo-D-gluconic acid reductase'
2 non-polymer 'SULFATE ION'
3 water water
#
_entity_poly.entity_id   1
_entity_poly.type   'polypeptide(L)'
_entity_poly.pdbx_seq_one_letter_code
;GSHMSSQVPSAEAQTVISFHDGHTMPQIGLGVWETPPDETAEVVKEAVKLGYRSVDTARLYKNEEGVGKGLEDHPEIFLT
TKLWNDEQGYDSTLRAYEESARLLRRPVLDLYLIHWPMPAQGQYVETWKALVELKKSGRVKSIGVSNFESEHLERIMDAT
GVVPVVNQIELHPDFQQRALREFHEKHNIRTESWRPLGKGRVLSDERIGKIAEKHSRTPAQVVIRWHLQNGLIVIPKSVN
PKRLAENLDVFGFVLDADDMQAIEQMDRKDGRMGADPNTAKF
;
_entity_poly.pdbx_strand_id   A,B
#
# COMPACT_ATOMS: atom_id res chain seq x y z
N GLU A 12 12.71 -34.15 2.33
CA GLU A 12 11.88 -33.10 1.68
C GLU A 12 12.72 -31.93 1.14
N ALA A 13 12.84 -31.87 -0.18
CA ALA A 13 13.63 -30.84 -0.83
C ALA A 13 12.77 -29.63 -1.14
N GLN A 14 13.36 -28.44 -1.12
CA GLN A 14 12.70 -27.28 -1.69
C GLN A 14 12.55 -27.50 -3.19
N THR A 15 11.60 -26.80 -3.79
CA THR A 15 11.41 -26.84 -5.22
C THR A 15 11.96 -25.57 -5.91
N VAL A 16 12.22 -25.68 -7.21
CA VAL A 16 12.65 -24.54 -8.02
C VAL A 16 11.72 -24.41 -9.20
N ILE A 17 11.73 -23.22 -9.80
CA ILE A 17 11.03 -22.99 -11.06
C ILE A 17 12.06 -22.58 -12.13
N SER A 18 11.92 -23.14 -13.33
CA SER A 18 12.81 -22.81 -14.44
C SER A 18 12.13 -21.88 -15.42
N PHE A 19 12.92 -20.95 -15.98
CA PHE A 19 12.37 -20.00 -16.94
C PHE A 19 12.44 -20.57 -18.36
N HIS A 20 11.79 -19.88 -19.30
CA HIS A 20 11.99 -20.17 -20.71
C HIS A 20 13.44 -19.89 -21.14
N ASP A 21 14.13 -18.96 -20.48
CA ASP A 21 15.51 -18.64 -20.89
C ASP A 21 16.54 -19.71 -20.46
N GLY A 22 16.07 -20.76 -19.78
CA GLY A 22 16.93 -21.86 -19.37
C GLY A 22 17.46 -21.72 -17.95
N HIS A 23 17.17 -20.59 -17.32
CA HIS A 23 17.66 -20.31 -15.96
C HIS A 23 16.67 -20.83 -14.95
N THR A 24 17.12 -20.99 -13.71
CA THR A 24 16.32 -21.59 -12.67
C THR A 24 16.34 -20.72 -11.41
N MET A 25 15.16 -20.54 -10.80
CA MET A 25 14.96 -19.72 -9.62
C MET A 25 14.34 -20.53 -8.49
N PRO A 26 14.82 -20.36 -7.22
CA PRO A 26 14.08 -21.00 -6.12
C PRO A 26 12.59 -20.55 -6.02
N GLN A 27 11.70 -21.51 -5.77
CA GLN A 27 10.26 -21.25 -5.86
C GLN A 27 9.70 -20.42 -4.72
N ILE A 28 10.44 -20.43 -3.61
CA ILE A 28 10.13 -19.62 -2.44
C ILE A 28 11.33 -18.70 -2.17
N GLY A 29 11.05 -17.43 -1.97
CA GLY A 29 12.09 -16.47 -1.58
C GLY A 29 11.70 -15.55 -0.43
N LEU A 30 12.59 -14.62 -0.12
CA LEU A 30 12.35 -13.62 0.93
C LEU A 30 12.15 -12.24 0.31
N GLY A 31 11.00 -11.64 0.58
CA GLY A 31 10.71 -10.29 0.11
C GLY A 31 11.12 -9.32 1.19
N VAL A 32 12.32 -8.74 1.04
CA VAL A 32 12.86 -7.81 2.03
C VAL A 32 12.27 -6.43 1.78
N TRP A 33 10.96 -6.29 1.94
CA TRP A 33 10.28 -5.07 1.56
C TRP A 33 10.21 -4.08 2.70
N GLU A 34 9.69 -4.54 3.85
CA GLU A 34 9.55 -3.68 5.03
C GLU A 34 10.66 -3.85 6.05
N THR A 35 11.91 -3.78 5.60
CA THR A 35 13.05 -3.83 6.50
C THR A 35 13.89 -2.56 6.40
N PRO A 36 14.04 -1.83 7.51
CA PRO A 36 14.93 -0.68 7.51
C PRO A 36 16.34 -1.07 7.09
N PRO A 37 16.95 -0.27 6.18
CA PRO A 37 18.34 -0.35 5.71
C PRO A 37 19.37 -0.79 6.76
N ASP A 38 19.10 -0.45 8.03
CA ASP A 38 20.00 -0.71 9.14
C ASP A 38 20.10 -2.17 9.54
N GLU A 39 18.96 -2.85 9.63
CA GLU A 39 18.96 -4.23 10.11
C GLU A 39 18.66 -5.22 9.00
N THR A 40 18.83 -4.77 7.76
CA THR A 40 18.56 -5.56 6.58
C THR A 40 19.61 -6.65 6.38
N ALA A 41 20.87 -6.30 6.59
CA ALA A 41 21.98 -7.24 6.47
C ALA A 41 21.75 -8.41 7.41
N GLU A 42 21.34 -8.07 8.63
CA GLU A 42 21.11 -9.06 9.66
C GLU A 42 19.89 -9.94 9.41
N VAL A 43 18.82 -9.36 8.85
CA VAL A 43 17.64 -10.15 8.49
C VAL A 43 17.98 -11.17 7.39
N VAL A 44 18.83 -10.75 6.46
CA VAL A 44 19.20 -11.55 5.29
C VAL A 44 20.13 -12.71 5.69
N LYS A 45 21.11 -12.42 6.56
CA LYS A 45 22.00 -13.43 7.08
C LYS A 45 21.21 -14.54 7.80
N GLU A 46 20.21 -14.12 8.58
CA GLU A 46 19.31 -14.98 9.34
C GLU A 46 18.48 -15.91 8.45
N ALA A 47 17.93 -15.36 7.37
CA ALA A 47 17.07 -16.12 6.46
C ALA A 47 17.86 -17.11 5.59
N VAL A 48 19.06 -16.69 5.16
CA VAL A 48 20.02 -17.57 4.51
C VAL A 48 20.39 -18.72 5.44
N LYS A 49 20.52 -18.43 6.73
CA LYS A 49 20.78 -19.47 7.72
C LYS A 49 19.60 -20.42 7.88
N LEU A 50 18.38 -19.91 7.90
CA LEU A 50 17.18 -20.75 7.98
C LEU A 50 16.93 -21.60 6.71
N GLY A 51 17.54 -21.23 5.58
CA GLY A 51 17.44 -21.99 4.33
C GLY A 51 16.89 -21.25 3.11
N TYR A 52 16.72 -19.93 3.22
CA TYR A 52 16.27 -19.12 2.06
C TYR A 52 17.35 -19.01 1.00
N ARG A 53 16.98 -19.33 -0.23
CA ARG A 53 17.91 -19.36 -1.35
C ARG A 53 17.62 -18.26 -2.40
N SER A 54 16.63 -17.42 -2.12
CA SER A 54 16.22 -16.36 -3.05
C SER A 54 15.86 -15.13 -2.23
N VAL A 55 16.49 -14.01 -2.55
CA VAL A 55 16.18 -12.74 -1.92
C VAL A 55 15.73 -11.72 -2.97
N ASP A 56 14.65 -11.03 -2.66
CA ASP A 56 14.01 -10.10 -3.54
C ASP A 56 13.91 -8.77 -2.83
N THR A 57 14.45 -7.73 -3.45
CA THR A 57 14.38 -6.35 -2.98
C THR A 57 13.95 -5.42 -4.14
N ALA A 58 14.07 -4.12 -3.93
CA ALA A 58 13.79 -3.12 -4.97
C ALA A 58 14.43 -1.81 -4.56
N ARG A 59 14.81 -0.98 -5.54
CA ARG A 59 15.35 0.34 -5.26
C ARG A 59 14.45 1.16 -4.34
N LEU A 60 13.14 0.91 -4.41
CA LEU A 60 12.12 1.61 -3.63
C LEU A 60 12.39 1.55 -2.11
N TYR A 61 12.81 0.38 -1.66
CA TYR A 61 13.03 0.09 -0.23
C TYR A 61 14.38 0.59 0.32
N LYS A 62 15.27 1.01 -0.59
CA LYS A 62 16.48 1.77 -0.21
C LYS A 62 17.46 1.01 0.68
N ASN A 63 17.43 -0.32 0.57
CA ASN A 63 18.19 -1.21 1.45
C ASN A 63 19.02 -2.22 0.67
N GLU A 64 19.31 -1.88 -0.57
CA GLU A 64 20.15 -2.70 -1.42
C GLU A 64 21.56 -2.84 -0.89
N GLU A 65 22.05 -1.81 -0.22
CA GLU A 65 23.38 -1.86 0.42
C GLU A 65 23.40 -2.87 1.57
N GLY A 66 22.32 -2.91 2.34
CA GLY A 66 22.12 -3.89 3.41
C GLY A 66 21.97 -5.33 2.92
N VAL A 67 21.19 -5.51 1.86
CA VAL A 67 21.03 -6.83 1.22
C VAL A 67 22.40 -7.33 0.75
N GLY A 68 23.12 -6.45 0.03
CA GLY A 68 24.44 -6.75 -0.53
C GLY A 68 25.51 -7.12 0.48
N LYS A 69 25.49 -6.44 1.63
CA LYS A 69 26.31 -6.81 2.78
C LYS A 69 25.87 -8.16 3.38
N GLY A 70 24.55 -8.36 3.52
CA GLY A 70 24.02 -9.57 4.14
C GLY A 70 24.31 -10.82 3.32
N LEU A 71 24.56 -10.64 2.03
CA LEU A 71 24.82 -11.73 1.10
C LEU A 71 26.28 -11.74 0.71
N GLU A 72 27.11 -11.11 1.54
CA GLU A 72 28.52 -10.90 1.30
C GLU A 72 29.22 -12.20 0.89
N ASP A 73 29.08 -13.23 1.71
CA ASP A 73 29.77 -14.49 1.42
C ASP A 73 28.79 -15.55 0.95
N HIS A 74 27.78 -15.10 0.22
CA HIS A 74 26.72 -15.97 -0.25
C HIS A 74 26.27 -15.65 -1.68
N PRO A 75 27.18 -15.84 -2.67
CA PRO A 75 26.85 -15.55 -4.07
C PRO A 75 25.89 -16.58 -4.67
N GLU A 76 25.72 -17.73 -3.99
CA GLU A 76 24.72 -18.72 -4.39
C GLU A 76 23.25 -18.24 -4.29
N ILE A 77 22.96 -17.37 -3.35
CA ILE A 77 21.59 -16.90 -3.15
C ILE A 77 21.10 -16.15 -4.39
N PHE A 78 19.94 -16.57 -4.91
CA PHE A 78 19.32 -15.95 -6.08
C PHE A 78 18.86 -14.54 -5.74
N LEU A 79 19.24 -13.58 -6.57
CA LEU A 79 19.02 -12.18 -6.19
C LEU A 79 18.33 -11.37 -7.25
N THR A 80 17.18 -10.81 -6.86
CA THR A 80 16.31 -9.98 -7.69
C THR A 80 16.25 -8.54 -7.18
N THR A 81 16.27 -7.57 -8.11
CA THR A 81 15.95 -6.17 -7.77
C THR A 81 15.17 -5.51 -8.91
N LYS A 82 14.60 -4.36 -8.62
CA LYS A 82 13.66 -3.72 -9.56
C LYS A 82 14.03 -2.29 -9.82
N LEU A 83 13.71 -1.84 -11.02
CA LEU A 83 13.88 -0.47 -11.41
C LEU A 83 12.71 0.38 -10.97
N TRP A 84 12.96 1.39 -10.15
CA TRP A 84 11.88 2.28 -9.71
C TRP A 84 11.44 3.25 -10.82
N ASN A 85 10.15 3.61 -10.79
CA ASN A 85 9.50 4.43 -11.81
C ASN A 85 10.27 5.63 -12.36
N ASP A 86 10.88 6.43 -11.46
CA ASP A 86 11.51 7.70 -11.89
C ASP A 86 12.86 7.52 -12.57
N GLU A 87 13.26 6.26 -12.76
CA GLU A 87 14.49 5.91 -13.47
C GLU A 87 14.24 5.21 -14.81
N GLN A 88 12.99 5.20 -15.25
CA GLN A 88 12.60 4.61 -16.53
C GLN A 88 13.14 5.43 -17.71
N GLY A 89 13.46 4.73 -18.79
CA GLY A 89 14.10 5.32 -19.95
C GLY A 89 15.29 4.44 -20.23
N TYR A 90 15.76 4.45 -21.47
CA TYR A 90 16.85 3.55 -21.89
C TYR A 90 18.19 3.76 -21.14
N ASP A 91 18.78 4.94 -21.27
CA ASP A 91 20.10 5.23 -20.65
C ASP A 91 19.98 5.20 -19.13
N SER A 92 18.84 5.67 -18.64
CA SER A 92 18.59 5.80 -17.22
C SER A 92 18.39 4.45 -16.49
N THR A 93 17.97 3.43 -17.23
CA THR A 93 17.79 2.08 -16.71
C THR A 93 19.13 1.37 -16.67
N LEU A 94 19.97 1.66 -17.66
CA LEU A 94 21.28 1.05 -17.75
C LEU A 94 22.13 1.51 -16.58
N ARG A 95 22.00 2.80 -16.22
CA ARG A 95 22.71 3.41 -15.06
C ARG A 95 22.18 2.85 -13.74
N ALA A 96 20.86 2.89 -13.59
CA ALA A 96 20.18 2.35 -12.43
C ALA A 96 20.54 0.88 -12.19
N TYR A 97 20.55 0.06 -13.24
CA TYR A 97 20.97 -1.32 -13.08
C TYR A 97 22.40 -1.39 -12.57
N GLU A 98 23.30 -0.63 -13.19
CA GLU A 98 24.71 -0.64 -12.75
C GLU A 98 24.83 -0.25 -11.28
N GLU A 99 24.19 0.85 -10.90
CA GLU A 99 24.16 1.32 -9.51
C GLU A 99 23.67 0.25 -8.52
N SER A 100 22.57 -0.42 -8.87
CA SER A 100 22.02 -1.53 -8.09
C SER A 100 23.01 -2.67 -7.95
N ALA A 101 23.70 -2.99 -9.05
CA ALA A 101 24.71 -4.05 -9.05
C ALA A 101 25.83 -3.74 -8.07
N ARG A 102 26.25 -2.47 -8.00
CA ARG A 102 27.27 -2.01 -7.08
C ARG A 102 26.83 -1.99 -5.63
N LEU A 103 25.64 -1.42 -5.37
CA LEU A 103 25.04 -1.44 -4.02
C LEU A 103 24.84 -2.87 -3.50
N LEU A 104 24.39 -3.76 -4.36
CA LEU A 104 24.15 -5.15 -3.98
C LEU A 104 25.43 -5.99 -3.93
N ARG A 105 26.56 -5.38 -4.30
CA ARG A 105 27.88 -6.01 -4.37
C ARG A 105 27.88 -7.29 -5.22
N ARG A 106 26.94 -7.35 -6.18
CA ARG A 106 26.91 -8.42 -7.18
C ARG A 106 26.95 -7.90 -8.61
N PRO A 107 28.10 -8.09 -9.28
CA PRO A 107 28.32 -7.56 -10.64
C PRO A 107 27.24 -7.98 -11.63
N VAL A 108 26.76 -9.22 -11.49
CA VAL A 108 25.75 -9.83 -12.37
C VAL A 108 24.57 -10.31 -11.53
N LEU A 109 23.43 -9.67 -11.70
CA LEU A 109 22.24 -10.01 -10.94
C LEU A 109 21.48 -11.19 -11.59
N ASP A 110 20.77 -11.95 -10.76
CA ASP A 110 20.07 -13.12 -11.24
C ASP A 110 18.78 -12.73 -11.96
N LEU A 111 18.11 -11.70 -11.45
CA LEU A 111 16.86 -11.20 -12.04
C LEU A 111 16.66 -9.69 -11.87
N TYR A 112 16.31 -9.00 -12.95
CA TYR A 112 16.00 -7.57 -12.88
C TYR A 112 14.62 -7.25 -13.45
N LEU A 113 13.81 -6.54 -12.67
CA LEU A 113 12.39 -6.30 -13.03
C LEU A 113 12.06 -4.81 -13.19
N ILE A 114 11.11 -4.53 -14.08
CA ILE A 114 10.50 -3.19 -14.11
C ILE A 114 9.42 -3.20 -13.02
N HIS A 115 9.53 -2.29 -12.05
CA HIS A 115 8.70 -2.32 -10.85
C HIS A 115 7.20 -2.05 -11.10
N TRP A 116 6.89 -1.05 -11.94
CA TRP A 116 5.53 -0.73 -12.37
C TRP A 116 5.61 -0.32 -13.85
N PRO A 117 4.57 -0.65 -14.66
CA PRO A 117 4.59 -0.21 -16.06
C PRO A 117 4.48 1.31 -16.21
N MET A 118 3.64 1.92 -15.39
CA MET A 118 3.38 3.36 -15.43
C MET A 118 3.11 3.85 -16.86
N PRO A 119 2.00 3.39 -17.47
CA PRO A 119 1.65 3.71 -18.86
C PRO A 119 1.67 5.20 -19.20
N ALA A 120 1.24 6.05 -18.25
CA ALA A 120 1.26 7.51 -18.41
C ALA A 120 2.64 8.14 -18.59
N GLN A 121 3.71 7.44 -18.19
CA GLN A 121 5.07 7.98 -18.38
C GLN A 121 5.52 7.88 -19.86
N GLY A 122 5.05 6.86 -20.57
CA GLY A 122 5.49 6.59 -21.94
C GLY A 122 6.87 5.94 -22.09
N GLN A 123 7.39 5.33 -21.01
CA GLN A 123 8.82 4.94 -20.94
C GLN A 123 9.10 3.44 -20.76
N TYR A 124 8.06 2.63 -20.52
CA TYR A 124 8.28 1.23 -20.14
C TYR A 124 8.78 0.33 -21.29
N VAL A 125 8.49 0.71 -22.54
CA VAL A 125 9.00 -0.02 -23.70
C VAL A 125 10.51 0.22 -23.83
N GLU A 126 10.93 1.47 -23.65
CA GLU A 126 12.35 1.83 -23.75
C GLU A 126 13.17 1.24 -22.60
N THR A 127 12.54 1.20 -21.43
CA THR A 127 13.06 0.52 -20.26
C THR A 127 13.27 -0.97 -20.58
N TRP A 128 12.27 -1.62 -21.17
CA TRP A 128 12.38 -3.03 -21.50
C TRP A 128 13.54 -3.33 -22.49
N LYS A 129 13.69 -2.45 -23.48
CA LYS A 129 14.80 -2.49 -24.44
C LYS A 129 16.17 -2.32 -23.76
N ALA A 130 16.20 -1.60 -22.64
CA ALA A 130 17.39 -1.51 -21.82
C ALA A 130 17.63 -2.84 -21.14
N LEU A 131 16.57 -3.45 -20.62
CA LEU A 131 16.68 -4.78 -20.01
C LEU A 131 17.11 -5.85 -21.03
N VAL A 132 16.49 -5.85 -22.21
CA VAL A 132 16.93 -6.68 -23.35
C VAL A 132 18.45 -6.56 -23.56
N GLU A 133 18.94 -5.33 -23.62
CA GLU A 133 20.35 -5.06 -23.83
C GLU A 133 21.22 -5.57 -22.67
N LEU A 134 20.73 -5.44 -21.45
CA LEU A 134 21.40 -6.01 -20.27
C LEU A 134 21.47 -7.52 -20.34
N LYS A 135 20.41 -8.17 -20.80
CA LYS A 135 20.50 -9.62 -21.06
C LYS A 135 21.52 -9.97 -22.15
N LYS A 136 21.37 -9.36 -23.34
CA LYS A 136 22.26 -9.62 -24.49
C LYS A 136 23.73 -9.42 -24.16
N SER A 137 24.06 -8.29 -23.56
CA SER A 137 25.43 -7.97 -23.15
C SER A 137 25.96 -8.85 -22.00
N GLY A 138 25.06 -9.56 -21.32
CA GLY A 138 25.44 -10.49 -20.26
C GLY A 138 25.57 -9.87 -18.88
N ARG A 139 25.10 -8.63 -18.74
CA ARG A 139 25.19 -7.89 -17.48
C ARG A 139 24.23 -8.40 -16.41
N VAL A 140 23.09 -8.97 -16.85
CA VAL A 140 22.13 -9.63 -15.98
C VAL A 140 21.86 -11.01 -16.58
N LYS A 141 21.52 -11.99 -15.75
CA LYS A 141 21.11 -13.30 -16.23
C LYS A 141 19.70 -13.27 -16.82
N SER A 142 18.72 -12.87 -16.04
CA SER A 142 17.32 -12.91 -16.47
C SER A 142 16.69 -11.56 -16.24
N ILE A 143 15.71 -11.26 -17.11
CA ILE A 143 14.97 -10.02 -17.08
C ILE A 143 13.48 -10.32 -17.04
N GLY A 144 12.73 -9.53 -16.29
CA GLY A 144 11.29 -9.70 -16.22
C GLY A 144 10.61 -8.41 -15.85
N VAL A 145 9.35 -8.53 -15.45
CA VAL A 145 8.57 -7.35 -15.11
C VAL A 145 7.77 -7.58 -13.83
N SER A 146 7.22 -6.49 -13.31
CA SER A 146 6.33 -6.52 -12.16
C SER A 146 5.14 -5.60 -12.46
N ASN A 147 3.93 -6.09 -12.15
CA ASN A 147 2.69 -5.30 -12.24
C ASN A 147 2.24 -4.94 -13.67
N PHE A 148 2.69 -5.72 -14.64
CA PHE A 148 2.26 -5.54 -16.03
C PHE A 148 0.95 -6.27 -16.33
N GLU A 149 -0.02 -5.54 -16.90
CA GLU A 149 -1.22 -6.18 -17.47
C GLU A 149 -0.88 -6.83 -18.79
N SER A 150 -1.75 -7.74 -19.27
CA SER A 150 -1.47 -8.47 -20.51
C SER A 150 -1.14 -7.52 -21.65
N GLU A 151 -1.84 -6.39 -21.68
CA GLU A 151 -1.65 -5.34 -22.68
C GLU A 151 -0.25 -4.69 -22.66
N HIS A 152 0.30 -4.51 -21.47
CA HIS A 152 1.64 -3.96 -21.30
C HIS A 152 2.66 -4.99 -21.76
N LEU A 153 2.32 -6.26 -21.53
CA LEU A 153 3.14 -7.38 -21.92
C LEU A 153 3.18 -7.55 -23.43
N GLU A 154 2.00 -7.59 -24.04
CA GLU A 154 1.85 -7.55 -25.50
C GLU A 154 2.71 -6.46 -26.15
N ARG A 155 2.67 -5.26 -25.58
CA ARG A 155 3.41 -4.12 -26.11
C ARG A 155 4.93 -4.31 -26.13
N ILE A 156 5.53 -4.72 -25.01
CA ILE A 156 6.98 -4.90 -24.90
C ILE A 156 7.49 -6.11 -25.68
N MET A 157 6.61 -7.10 -25.88
CA MET A 157 6.90 -8.29 -26.71
C MET A 157 6.89 -7.92 -28.20
N ASP A 158 5.85 -7.21 -28.63
CA ASP A 158 5.78 -6.70 -30.00
C ASP A 158 6.92 -5.74 -30.37
N ALA A 159 7.42 -4.96 -29.41
CA ALA A 159 8.44 -3.96 -29.72
C ALA A 159 9.86 -4.53 -29.84
N THR A 160 10.08 -5.69 -29.21
CA THR A 160 11.41 -6.28 -29.02
C THR A 160 11.55 -7.74 -29.51
N GLY A 161 10.47 -8.52 -29.44
CA GLY A 161 10.54 -9.96 -29.67
C GLY A 161 11.14 -10.76 -28.50
N VAL A 162 11.16 -10.14 -27.32
CA VAL A 162 11.84 -10.67 -26.15
C VAL A 162 10.85 -10.73 -24.97
N VAL A 163 10.59 -11.95 -24.52
CA VAL A 163 9.54 -12.20 -23.52
C VAL A 163 10.16 -12.16 -22.11
N PRO A 164 9.49 -11.45 -21.17
CA PRO A 164 10.00 -11.56 -19.81
C PRO A 164 9.81 -13.00 -19.28
N VAL A 165 10.73 -13.41 -18.41
CA VAL A 165 10.72 -14.76 -17.88
C VAL A 165 9.71 -14.85 -16.76
N VAL A 166 9.35 -13.68 -16.20
CA VAL A 166 8.54 -13.57 -14.98
C VAL A 166 7.75 -12.25 -14.98
N ASN A 167 6.51 -12.33 -14.54
CA ASN A 167 5.71 -11.17 -14.16
C ASN A 167 5.29 -11.33 -12.69
N GLN A 168 5.86 -10.49 -11.82
CA GLN A 168 5.59 -10.47 -10.37
C GLN A 168 4.40 -9.53 -10.07
N ILE A 169 3.29 -10.13 -9.63
CA ILE A 169 2.03 -9.40 -9.49
C ILE A 169 1.39 -9.71 -8.15
N GLU A 170 0.50 -8.81 -7.70
CA GLU A 170 -0.29 -9.06 -6.51
C GLU A 170 -1.09 -10.32 -6.76
N LEU A 171 -0.97 -11.30 -5.86
CA LEU A 171 -1.65 -12.58 -6.08
C LEU A 171 -1.84 -13.32 -4.77
N HIS A 172 -3.10 -13.57 -4.43
CA HIS A 172 -3.44 -14.23 -3.18
C HIS A 172 -4.83 -14.88 -3.31
N PRO A 173 -5.25 -15.71 -2.33
CA PRO A 173 -6.59 -16.35 -2.43
C PRO A 173 -7.81 -15.47 -2.79
N ASP A 174 -7.80 -14.19 -2.39
CA ASP A 174 -8.88 -13.23 -2.69
C ASP A 174 -8.78 -12.63 -4.10
N PHE A 175 -7.60 -12.73 -4.71
CA PHE A 175 -7.32 -12.14 -6.01
C PHE A 175 -6.32 -13.03 -6.72
N GLN A 176 -6.86 -13.99 -7.47
CA GLN A 176 -6.06 -15.10 -7.96
C GLN A 176 -5.46 -14.90 -9.33
N GLN A 177 -5.84 -13.82 -10.01
CA GLN A 177 -5.20 -13.39 -11.27
C GLN A 177 -5.22 -14.44 -12.38
N ARG A 178 -6.34 -15.18 -12.46
CA ARG A 178 -6.51 -16.31 -13.38
C ARG A 178 -6.37 -15.96 -14.88
N ALA A 179 -7.01 -14.87 -15.30
CA ALA A 179 -6.94 -14.44 -16.69
C ALA A 179 -5.55 -13.96 -17.12
N LEU A 180 -4.84 -13.28 -16.22
CA LEU A 180 -3.44 -12.89 -16.47
C LEU A 180 -2.52 -14.11 -16.52
N ARG A 181 -2.75 -15.05 -15.61
CA ARG A 181 -2.05 -16.34 -15.64
C ARG A 181 -2.36 -17.17 -16.88
N GLU A 182 -3.58 -17.06 -17.42
CA GLU A 182 -3.91 -17.72 -18.70
C GLU A 182 -3.06 -17.14 -19.81
N PHE A 183 -2.93 -15.81 -19.82
CA PHE A 183 -2.10 -15.10 -20.76
C PHE A 183 -0.62 -15.45 -20.58
N HIS A 184 -0.16 -15.52 -19.33
CA HIS A 184 1.22 -15.90 -18.99
C HIS A 184 1.57 -17.27 -19.54
N GLU A 185 0.61 -18.18 -19.48
CA GLU A 185 0.79 -19.55 -19.91
C GLU A 185 1.10 -19.61 -21.40
N LYS A 186 0.33 -18.87 -22.19
CA LYS A 186 0.48 -18.82 -23.62
C LYS A 186 1.87 -18.37 -24.06
N HIS A 187 2.54 -17.59 -23.22
CA HIS A 187 3.86 -17.01 -23.58
C HIS A 187 4.99 -17.56 -22.71
N ASN A 188 4.69 -18.60 -21.93
CA ASN A 188 5.69 -19.28 -21.10
C ASN A 188 6.34 -18.29 -20.13
N ILE A 189 5.48 -17.46 -19.53
CA ILE A 189 5.90 -16.46 -18.55
C ILE A 189 5.55 -16.99 -17.17
N ARG A 190 6.54 -17.13 -16.30
CA ARG A 190 6.24 -17.52 -14.93
C ARG A 190 5.53 -16.42 -14.19
N THR A 191 4.74 -16.82 -13.19
CA THR A 191 4.01 -15.90 -12.34
C THR A 191 4.69 -15.91 -10.97
N GLU A 192 4.98 -14.70 -10.47
CA GLU A 192 5.50 -14.53 -9.15
C GLU A 192 4.47 -13.73 -8.36
N SER A 193 4.04 -14.26 -7.21
CA SER A 193 3.10 -13.57 -6.34
C SER A 193 3.79 -12.68 -5.32
N TRP A 194 3.49 -11.38 -5.41
CA TRP A 194 3.66 -10.52 -4.26
C TRP A 194 2.33 -10.44 -3.52
N ARG A 195 2.34 -9.90 -2.29
CA ARG A 195 1.14 -9.96 -1.41
C ARG A 195 0.53 -11.38 -1.30
N PRO A 196 1.37 -12.43 -1.13
CA PRO A 196 0.83 -13.79 -1.22
C PRO A 196 -0.15 -14.16 -0.11
N LEU A 197 -0.05 -13.43 1.01
CA LEU A 197 -0.87 -13.69 2.17
C LEU A 197 -2.01 -12.67 2.31
N GLY A 198 -2.15 -11.79 1.31
CA GLY A 198 -3.21 -10.76 1.28
C GLY A 198 -3.18 -9.80 2.45
N LYS A 199 -1.99 -9.29 2.76
CA LYS A 199 -1.74 -8.43 3.94
C LYS A 199 -2.15 -9.09 5.27
N GLY A 200 -2.46 -10.39 5.24
CA GLY A 200 -2.82 -11.14 6.45
C GLY A 200 -4.27 -11.51 6.58
N ARG A 201 -5.12 -10.95 5.72
CA ARG A 201 -6.56 -11.20 5.70
C ARG A 201 -6.86 -12.69 5.79
N VAL A 202 -6.06 -13.47 5.07
CA VAL A 202 -6.20 -14.92 4.97
C VAL A 202 -5.87 -15.68 6.28
N LEU A 203 -4.95 -15.15 7.07
CA LEU A 203 -4.52 -15.78 8.32
C LEU A 203 -5.64 -16.16 9.28
N SER A 204 -6.80 -15.51 9.19
CA SER A 204 -7.93 -15.84 10.05
C SER A 204 -9.20 -16.28 9.29
N ASP A 205 -9.02 -16.72 8.04
CA ASP A 205 -10.14 -17.24 7.25
C ASP A 205 -10.48 -18.66 7.70
N GLU A 206 -11.78 -18.92 7.88
CA GLU A 206 -12.28 -20.22 8.37
C GLU A 206 -12.06 -21.33 7.38
N ARG A 207 -12.30 -21.03 6.10
CA ARG A 207 -12.07 -21.96 5.00
C ARG A 207 -10.60 -22.40 4.99
N ILE A 208 -9.70 -21.43 5.11
CA ILE A 208 -8.27 -21.67 5.26
C ILE A 208 -7.96 -22.43 6.56
N GLY A 209 -8.65 -22.02 7.63
CA GLY A 209 -8.47 -22.62 8.96
C GLY A 209 -8.78 -24.11 9.01
N LYS A 210 -9.88 -24.53 8.37
CA LYS A 210 -10.23 -25.95 8.27
C LYS A 210 -9.18 -26.79 7.53
N ILE A 211 -8.71 -26.26 6.39
CA ILE A 211 -7.63 -26.91 5.61
C ILE A 211 -6.34 -27.03 6.45
N ALA A 212 -6.07 -25.99 7.23
CA ALA A 212 -4.92 -25.96 8.14
C ALA A 212 -4.99 -27.01 9.25
N GLU A 213 -6.18 -27.22 9.83
CA GLU A 213 -6.44 -28.30 10.81
C GLU A 213 -6.24 -29.70 10.22
N LYS A 214 -6.83 -29.89 9.04
CA LYS A 214 -6.74 -31.11 8.27
C LYS A 214 -5.29 -31.53 7.98
N HIS A 215 -4.40 -30.54 7.86
CA HIS A 215 -3.01 -30.81 7.51
C HIS A 215 -1.97 -30.64 8.61
N SER A 216 -2.42 -30.30 9.83
CA SER A 216 -1.53 -29.98 10.94
C SER A 216 -0.45 -28.97 10.55
N ARG A 217 -0.91 -27.93 9.84
CA ARG A 217 -0.08 -26.80 9.47
C ARG A 217 -0.83 -25.52 9.85
N THR A 218 -0.17 -24.38 9.67
CA THR A 218 -0.76 -23.08 9.93
C THR A 218 -1.42 -22.53 8.66
N PRO A 219 -2.39 -21.60 8.82
CA PRO A 219 -2.96 -20.82 7.73
C PRO A 219 -1.95 -20.28 6.69
N ALA A 220 -0.90 -19.59 7.12
CA ALA A 220 0.17 -19.11 6.24
C ALA A 220 0.79 -20.24 5.40
N GLN A 221 1.07 -21.37 6.04
CA GLN A 221 1.73 -22.49 5.37
C GLN A 221 0.82 -23.11 4.30
N VAL A 222 -0.47 -23.22 4.62
CA VAL A 222 -1.49 -23.73 3.71
C VAL A 222 -1.54 -22.83 2.48
N VAL A 223 -1.55 -21.52 2.71
CA VAL A 223 -1.61 -20.53 1.64
C VAL A 223 -0.36 -20.52 0.76
N ILE A 224 0.81 -20.55 1.38
CA ILE A 224 2.06 -20.68 0.64
C ILE A 224 2.08 -21.96 -0.21
N ARG A 225 1.75 -23.09 0.38
CA ARG A 225 1.63 -24.37 -0.35
C ARG A 225 0.74 -24.22 -1.59
N TRP A 226 -0.38 -23.52 -1.42
CA TRP A 226 -1.34 -23.28 -2.49
C TRP A 226 -0.70 -22.55 -3.68
N HIS A 227 0.09 -21.51 -3.41
CA HIS A 227 0.89 -20.81 -4.42
C HIS A 227 1.82 -21.78 -5.14
N LEU A 228 2.59 -22.54 -4.34
CA LEU A 228 3.53 -23.57 -4.82
C LEU A 228 2.91 -24.58 -5.77
N GLN A 229 1.75 -25.13 -5.38
CA GLN A 229 1.07 -26.18 -6.15
C GLN A 229 0.42 -25.66 -7.41
N ASN A 230 0.32 -24.34 -7.50
CA ASN A 230 -0.17 -23.65 -8.67
C ASN A 230 0.95 -23.29 -9.60
N GLY A 231 2.18 -23.62 -9.17
CA GLY A 231 3.37 -23.43 -9.99
C GLY A 231 3.97 -22.04 -9.88
N LEU A 232 3.58 -21.33 -8.83
CA LEU A 232 3.89 -19.91 -8.72
C LEU A 232 5.17 -19.71 -7.91
N ILE A 233 5.93 -18.68 -8.26
CA ILE A 233 7.06 -18.25 -7.43
C ILE A 233 6.44 -17.41 -6.32
N VAL A 234 6.88 -17.64 -5.08
CA VAL A 234 6.26 -16.99 -3.93
C VAL A 234 7.33 -16.33 -3.08
N ILE A 235 7.17 -15.04 -2.83
CA ILE A 235 8.10 -14.32 -1.98
C ILE A 235 7.35 -13.68 -0.81
N PRO A 236 7.07 -14.47 0.24
CA PRO A 236 6.45 -13.76 1.34
C PRO A 236 7.49 -12.89 2.05
N LYS A 237 6.99 -11.94 2.82
CA LYS A 237 7.86 -11.15 3.70
C LYS A 237 7.58 -11.55 5.14
N SER A 238 8.57 -11.33 5.99
CA SER A 238 8.44 -11.54 7.42
C SER A 238 9.62 -10.93 8.13
N VAL A 239 9.34 -10.22 9.20
CA VAL A 239 10.37 -9.75 10.12
C VAL A 239 10.69 -10.91 11.08
N ASN A 240 9.66 -11.39 11.79
CA ASN A 240 9.81 -12.47 12.74
C ASN A 240 10.48 -13.71 12.09
N PRO A 241 11.67 -14.09 12.60
CA PRO A 241 12.35 -15.32 12.16
C PRO A 241 11.57 -16.59 12.55
N LYS A 242 10.61 -16.44 13.44
CA LYS A 242 9.65 -17.49 13.77
C LYS A 242 8.68 -17.72 12.60
N ARG A 243 8.27 -16.63 11.95
CA ARG A 243 7.41 -16.72 10.76
C ARG A 243 8.22 -17.07 9.53
N LEU A 244 9.47 -16.63 9.49
CA LEU A 244 10.42 -17.02 8.44
C LEU A 244 10.63 -18.52 8.35
N ALA A 245 10.86 -19.15 9.49
CA ALA A 245 11.01 -20.61 9.58
C ALA A 245 9.70 -21.31 9.23
N GLU A 246 8.59 -20.73 9.69
CA GLU A 246 7.25 -21.22 9.42
C GLU A 246 6.94 -21.20 7.93
N ASN A 247 7.06 -20.02 7.32
CA ASN A 247 6.88 -19.84 5.88
C ASN A 247 7.71 -20.77 5.00
N LEU A 248 8.90 -21.12 5.46
CA LEU A 248 9.80 -22.02 4.74
C LEU A 248 9.45 -23.50 4.85
N ASP A 249 8.78 -23.88 5.94
CA ASP A 249 8.46 -25.29 6.25
C ASP A 249 7.18 -25.76 5.52
N VAL A 250 7.26 -25.81 4.20
CA VAL A 250 6.10 -26.06 3.35
C VAL A 250 6.25 -27.22 2.34
N PHE A 251 7.32 -27.99 2.50
CA PHE A 251 7.61 -29.11 1.60
C PHE A 251 7.43 -30.49 2.23
N GLY A 252 6.60 -30.56 3.28
CA GLY A 252 6.30 -31.85 3.92
C GLY A 252 4.83 -32.25 3.95
N PHE A 253 4.01 -31.53 3.18
CA PHE A 253 2.61 -31.87 2.97
C PHE A 253 2.12 -31.44 1.56
N VAL A 254 0.90 -31.86 1.22
CA VAL A 254 0.31 -31.64 -0.09
C VAL A 254 -1.17 -31.31 0.15
N LEU A 255 -1.62 -30.23 -0.48
CA LEU A 255 -3.04 -29.94 -0.56
C LEU A 255 -3.67 -30.84 -1.62
N ASP A 256 -4.79 -31.48 -1.29
CA ASP A 256 -5.47 -32.39 -2.21
C ASP A 256 -6.40 -31.61 -3.15
N ALA A 257 -7.06 -32.30 -4.08
CA ALA A 257 -7.98 -31.64 -5.04
C ALA A 257 -9.10 -30.83 -4.39
N ASP A 258 -9.73 -31.39 -3.36
CA ASP A 258 -10.75 -30.69 -2.56
C ASP A 258 -10.23 -29.37 -1.96
N ASP A 259 -9.03 -29.41 -1.38
CA ASP A 259 -8.35 -28.25 -0.78
C ASP A 259 -8.12 -27.12 -1.80
N MET A 260 -7.63 -27.52 -2.97
CA MET A 260 -7.25 -26.64 -4.05
C MET A 260 -8.48 -25.95 -4.68
N GLN A 261 -9.54 -26.72 -4.87
CA GLN A 261 -10.82 -26.19 -5.33
C GLN A 261 -11.47 -25.23 -4.32
N ALA A 262 -11.47 -25.61 -3.05
CA ALA A 262 -12.00 -24.77 -1.96
C ALA A 262 -11.33 -23.39 -1.88
N ILE A 263 -10.03 -23.35 -2.20
CA ILE A 263 -9.30 -22.08 -2.21
C ILE A 263 -9.55 -21.33 -3.52
N GLU A 264 -9.52 -22.06 -4.63
CA GLU A 264 -9.93 -21.51 -5.93
C GLU A 264 -11.22 -20.69 -5.79
N GLN A 265 -12.19 -21.23 -5.01
CA GLN A 265 -13.50 -20.62 -4.77
C GLN A 265 -13.48 -19.31 -3.95
N MET A 266 -12.34 -18.99 -3.35
CA MET A 266 -12.20 -17.77 -2.54
C MET A 266 -12.00 -16.51 -3.39
N ASP A 267 -11.66 -16.70 -4.66
CA ASP A 267 -11.36 -15.62 -5.62
C ASP A 267 -12.50 -14.60 -5.76
N ARG A 268 -12.22 -13.34 -5.47
CA ARG A 268 -13.22 -12.29 -5.54
C ARG A 268 -12.79 -11.28 -6.59
N LYS A 269 -13.77 -10.70 -7.27
CA LYS A 269 -13.53 -9.64 -8.24
C LYS A 269 -13.03 -8.32 -7.63
N ASP A 270 -13.43 -8.04 -6.39
CA ASP A 270 -12.93 -6.88 -5.65
C ASP A 270 -11.85 -7.28 -4.65
N GLY A 271 -11.08 -8.32 -5.00
CA GLY A 271 -10.03 -8.85 -4.14
C GLY A 271 -8.73 -8.06 -4.14
N ARG A 272 -8.54 -7.20 -5.12
CA ARG A 272 -7.31 -6.41 -5.20
C ARG A 272 -7.19 -5.48 -4.00
N MET A 273 -6.01 -5.49 -3.40
CA MET A 273 -5.74 -4.71 -2.20
C MET A 273 -4.81 -3.55 -2.50
N GLY A 274 -3.86 -3.78 -3.40
CA GLY A 274 -2.90 -2.75 -3.79
C GLY A 274 -3.31 -1.98 -5.03
N ALA A 275 -2.39 -1.18 -5.54
CA ALA A 275 -2.62 -0.32 -6.71
C ALA A 275 -2.98 -1.10 -7.97
N ASP A 276 -3.86 -0.52 -8.76
CA ASP A 276 -4.15 -1.01 -10.08
C ASP A 276 -3.08 -0.49 -11.03
N PRO A 277 -2.36 -1.40 -11.71
CA PRO A 277 -1.35 -1.00 -12.70
C PRO A 277 -1.79 0.12 -13.66
N ASN A 278 -3.03 0.09 -14.15
CA ASN A 278 -3.47 1.09 -15.13
C ASN A 278 -3.75 2.49 -14.56
N THR A 279 -3.95 2.59 -13.24
CA THR A 279 -4.30 3.87 -12.61
C THR A 279 -3.36 4.29 -11.46
N ALA A 280 -2.37 3.45 -11.19
CA ALA A 280 -1.35 3.74 -10.17
C ALA A 280 -0.60 5.04 -10.46
N LYS A 281 -0.51 5.89 -9.44
CA LYS A 281 0.16 7.17 -9.53
C LYS A 281 0.89 7.41 -8.22
N PHE A 282 2.19 7.67 -8.32
CA PHE A 282 3.04 7.86 -7.15
C PHE A 282 3.60 9.27 -7.11
N GLU B 12 -18.14 -3.78 -7.37
CA GLU B 12 -17.63 -3.82 -5.96
C GLU B 12 -16.19 -3.34 -5.72
N ALA B 13 -15.44 -2.99 -6.77
CA ALA B 13 -14.03 -2.64 -6.58
C ALA B 13 -13.83 -1.18 -6.16
N GLN B 14 -13.34 -1.03 -4.94
CA GLN B 14 -12.99 0.27 -4.42
C GLN B 14 -11.72 0.77 -5.11
N THR B 15 -11.50 2.08 -5.06
CA THR B 15 -10.27 2.65 -5.56
C THR B 15 -9.27 2.88 -4.41
N VAL B 16 -7.98 2.93 -4.75
CA VAL B 16 -6.92 3.23 -3.78
C VAL B 16 -6.21 4.52 -4.19
N ILE B 17 -5.56 5.17 -3.23
CA ILE B 17 -4.65 6.26 -3.56
C ILE B 17 -3.24 5.85 -3.09
N SER B 18 -2.25 6.11 -3.94
CA SER B 18 -0.86 5.85 -3.58
C SER B 18 -0.11 7.15 -3.29
N PHE B 19 0.93 7.04 -2.46
CA PHE B 19 1.73 8.15 -2.02
C PHE B 19 3.03 8.28 -2.82
N HIS B 20 3.68 9.45 -2.74
CA HIS B 20 4.98 9.63 -3.42
C HIS B 20 6.04 8.69 -2.86
N ASP B 21 5.78 8.08 -1.71
CA ASP B 21 6.75 7.20 -1.04
C ASP B 21 6.61 5.72 -1.45
N GLY B 22 5.64 5.43 -2.32
CA GLY B 22 5.50 4.10 -2.88
C GLY B 22 4.48 3.22 -2.19
N HIS B 23 3.81 3.78 -1.18
CA HIS B 23 2.76 3.09 -0.42
C HIS B 23 1.36 3.42 -0.91
N THR B 24 0.42 2.57 -0.53
CA THR B 24 -0.94 2.65 -1.04
C THR B 24 -1.97 2.64 0.11
N MET B 25 -2.96 3.51 0.00
CA MET B 25 -4.03 3.65 0.99
C MET B 25 -5.40 3.53 0.30
N PRO B 26 -6.37 2.80 0.90
CA PRO B 26 -7.75 2.81 0.40
C PRO B 26 -8.29 4.24 0.34
N GLN B 27 -9.00 4.58 -0.73
CA GLN B 27 -9.47 5.95 -0.95
C GLN B 27 -10.63 6.37 -0.03
N ILE B 28 -11.26 5.39 0.59
CA ILE B 28 -12.31 5.66 1.55
C ILE B 28 -12.03 4.91 2.86
N GLY B 29 -12.23 5.58 3.98
CA GLY B 29 -12.10 4.90 5.24
C GLY B 29 -13.11 5.42 6.24
N LEU B 30 -13.17 4.73 7.38
CA LEU B 30 -13.99 5.14 8.51
C LEU B 30 -13.20 6.00 9.49
N GLY B 31 -13.68 7.22 9.71
CA GLY B 31 -13.15 8.07 10.76
C GLY B 31 -13.94 7.83 12.03
N VAL B 32 -13.33 7.12 12.98
CA VAL B 32 -13.90 7.01 14.30
C VAL B 32 -13.48 8.26 15.07
N TRP B 33 -14.47 9.08 15.43
CA TRP B 33 -14.20 10.38 16.02
C TRP B 33 -15.02 10.60 17.29
N GLU B 34 -16.28 10.18 17.27
CA GLU B 34 -17.13 10.39 18.44
C GLU B 34 -17.74 9.09 18.96
N THR B 35 -17.01 8.00 18.82
CA THR B 35 -17.46 6.74 19.38
C THR B 35 -16.83 6.59 20.79
N PRO B 36 -17.68 6.38 21.81
CA PRO B 36 -17.13 6.08 23.15
C PRO B 36 -16.13 4.92 23.07
N PRO B 37 -15.07 4.94 23.92
CA PRO B 37 -14.07 3.87 24.01
C PRO B 37 -14.65 2.47 24.27
N ASP B 38 -15.72 2.41 25.06
CA ASP B 38 -16.37 1.15 25.42
C ASP B 38 -17.20 0.55 24.29
N GLU B 39 -17.40 1.33 23.23
CA GLU B 39 -18.27 0.92 22.14
C GLU B 39 -17.52 0.86 20.82
N THR B 40 -16.25 1.25 20.85
CA THR B 40 -15.43 1.49 19.67
C THR B 40 -15.05 0.23 18.87
N ALA B 41 -14.72 -0.85 19.58
CA ALA B 41 -14.36 -2.13 18.99
C ALA B 41 -15.48 -2.72 18.13
N GLU B 42 -16.71 -2.68 18.62
CA GLU B 42 -17.86 -3.20 17.86
C GLU B 42 -18.17 -2.39 16.60
N VAL B 43 -17.96 -1.07 16.65
CA VAL B 43 -18.23 -0.24 15.50
C VAL B 43 -17.22 -0.56 14.38
N VAL B 44 -15.96 -0.67 14.77
CA VAL B 44 -14.86 -1.06 13.90
C VAL B 44 -15.10 -2.45 13.29
N LYS B 45 -15.49 -3.42 14.12
CA LYS B 45 -15.86 -4.76 13.64
C LYS B 45 -16.93 -4.74 12.54
N GLU B 46 -18.05 -4.06 12.80
CA GLU B 46 -19.17 -3.90 11.85
C GLU B 46 -18.73 -3.27 10.52
N ALA B 47 -17.91 -2.22 10.63
CA ALA B 47 -17.40 -1.49 9.48
C ALA B 47 -16.54 -2.37 8.59
N VAL B 48 -15.69 -3.20 9.21
CA VAL B 48 -14.85 -4.12 8.49
C VAL B 48 -15.69 -5.17 7.75
N LYS B 49 -16.70 -5.71 8.43
CA LYS B 49 -17.66 -6.65 7.83
C LYS B 49 -18.37 -6.06 6.61
N LEU B 50 -18.75 -4.79 6.71
CA LEU B 50 -19.47 -4.09 5.66
C LEU B 50 -18.60 -3.83 4.44
N GLY B 51 -17.29 -3.79 4.64
CA GLY B 51 -16.34 -3.63 3.55
C GLY B 51 -15.27 -2.55 3.69
N TYR B 52 -15.25 -1.79 4.78
CA TYR B 52 -14.23 -0.74 4.99
C TYR B 52 -12.85 -1.36 5.22
N ARG B 53 -11.84 -0.77 4.57
CA ARG B 53 -10.48 -1.29 4.61
C ARG B 53 -9.49 -0.29 5.21
N SER B 54 -10.01 0.86 5.62
CA SER B 54 -9.21 1.92 6.19
C SER B 54 -9.93 2.45 7.42
N VAL B 55 -9.19 2.59 8.51
CA VAL B 55 -9.70 3.11 9.78
C VAL B 55 -8.83 4.28 10.29
N ASP B 56 -9.49 5.39 10.63
CA ASP B 56 -8.85 6.61 11.12
C ASP B 56 -9.22 6.84 12.58
N THR B 57 -8.20 7.00 13.43
CA THR B 57 -8.44 7.36 14.82
C THR B 57 -7.46 8.43 15.25
N ALA B 58 -7.55 8.85 16.51
CA ALA B 58 -6.64 9.84 17.04
C ALA B 58 -6.48 9.64 18.53
N ARG B 59 -5.29 10.02 19.03
CA ARG B 59 -5.07 10.05 20.45
C ARG B 59 -6.14 10.90 21.12
N LEU B 60 -6.52 11.99 20.43
CA LEU B 60 -7.54 12.92 20.94
C LEU B 60 -8.78 12.23 21.52
N TYR B 61 -9.42 11.37 20.74
CA TYR B 61 -10.71 10.78 21.11
C TYR B 61 -10.59 9.65 22.13
N LYS B 62 -9.33 9.31 22.48
CA LYS B 62 -9.04 8.40 23.59
C LYS B 62 -9.70 7.00 23.49
N ASN B 63 -9.72 6.46 22.26
CA ASN B 63 -10.31 5.15 21.97
C ASN B 63 -9.45 4.24 21.04
N GLU B 64 -8.14 4.47 21.06
CA GLU B 64 -7.21 3.70 20.24
C GLU B 64 -7.13 2.24 20.69
N GLU B 65 -7.41 1.99 21.98
CA GLU B 65 -7.45 0.63 22.49
C GLU B 65 -8.62 -0.12 21.87
N GLY B 66 -9.78 0.54 21.78
CA GLY B 66 -10.98 -0.08 21.21
C GLY B 66 -10.75 -0.42 19.76
N VAL B 67 -10.20 0.54 19.02
CA VAL B 67 -9.82 0.36 17.61
C VAL B 67 -8.84 -0.80 17.47
N GLY B 68 -7.93 -0.93 18.42
CA GLY B 68 -7.01 -2.07 18.50
C GLY B 68 -7.73 -3.38 18.66
N LYS B 69 -8.71 -3.43 19.57
CA LYS B 69 -9.54 -4.63 19.80
C LYS B 69 -10.43 -5.00 18.61
N GLY B 70 -11.01 -4.00 17.94
CA GLY B 70 -11.84 -4.23 16.77
C GLY B 70 -11.08 -4.76 15.57
N LEU B 71 -9.79 -4.42 15.49
CA LEU B 71 -8.93 -4.77 14.38
C LEU B 71 -8.05 -6.00 14.63
N GLU B 72 -8.23 -6.65 15.78
CA GLU B 72 -7.58 -7.93 16.03
C GLU B 72 -8.16 -8.96 15.05
N ASP B 73 -7.28 -9.65 14.33
CA ASP B 73 -7.65 -10.55 13.22
C ASP B 73 -7.86 -9.81 11.90
N HIS B 74 -7.65 -8.50 11.91
CA HIS B 74 -7.76 -7.71 10.70
C HIS B 74 -6.53 -6.81 10.45
N PRO B 75 -5.33 -7.45 10.25
CA PRO B 75 -4.12 -6.66 10.00
C PRO B 75 -4.07 -6.06 8.58
N GLU B 76 -4.98 -6.52 7.70
CA GLU B 76 -5.12 -5.95 6.36
C GLU B 76 -5.63 -4.49 6.36
N ILE B 77 -6.38 -4.12 7.39
CA ILE B 77 -7.00 -2.81 7.47
C ILE B 77 -5.93 -1.72 7.67
N PHE B 78 -5.88 -0.79 6.73
CA PHE B 78 -4.96 0.34 6.78
C PHE B 78 -5.32 1.15 8.03
N LEU B 79 -4.30 1.57 8.77
CA LEU B 79 -4.52 2.12 10.12
C LEU B 79 -3.82 3.46 10.33
N THR B 80 -4.61 4.48 10.62
CA THR B 80 -4.10 5.84 10.79
C THR B 80 -4.40 6.35 12.19
N THR B 81 -3.38 6.98 12.80
CA THR B 81 -3.55 7.75 14.03
C THR B 81 -2.70 9.02 14.10
N LYS B 82 -2.93 9.80 15.17
CA LYS B 82 -2.48 11.18 15.19
C LYS B 82 -1.82 11.56 16.49
N LEU B 83 -0.76 12.36 16.38
CA LEU B 83 -0.09 12.89 17.54
C LEU B 83 -0.84 14.08 18.08
N TRP B 84 -1.28 14.01 19.33
CA TRP B 84 -1.97 15.14 19.97
C TRP B 84 -0.99 16.30 20.35
N ASN B 85 -1.50 17.53 20.25
CA ASN B 85 -0.72 18.76 20.48
C ASN B 85 0.15 18.81 21.74
N ASP B 86 -0.36 18.26 22.86
CA ASP B 86 0.33 18.39 24.16
C ASP B 86 1.57 17.47 24.23
N GLU B 87 1.85 16.77 23.14
CA GLU B 87 2.96 15.83 23.05
C GLU B 87 3.95 16.15 21.93
N GLN B 88 3.79 17.33 21.32
CA GLN B 88 4.70 17.80 20.28
C GLN B 88 6.14 17.99 20.79
N GLY B 89 7.11 17.79 19.91
CA GLY B 89 8.52 17.72 20.29
C GLY B 89 9.22 16.53 19.66
N TYR B 90 10.54 16.46 19.75
CA TYR B 90 11.25 15.34 19.12
C TYR B 90 11.10 14.01 19.91
N ASP B 91 11.62 13.99 21.15
CA ASP B 91 11.55 12.85 22.06
C ASP B 91 10.13 12.46 22.48
N SER B 92 9.27 13.46 22.72
CA SER B 92 7.91 13.20 23.18
C SER B 92 7.06 12.55 22.10
N THR B 93 7.26 12.94 20.84
CA THR B 93 6.54 12.40 19.69
C THR B 93 6.87 10.92 19.43
N LEU B 94 8.15 10.56 19.53
CA LEU B 94 8.59 9.16 19.44
C LEU B 94 7.98 8.30 20.55
N ARG B 95 7.77 8.90 21.73
CA ARG B 95 7.17 8.21 22.88
C ARG B 95 5.69 7.96 22.64
N ALA B 96 5.01 9.02 22.18
CA ALA B 96 3.59 8.99 21.80
C ALA B 96 3.29 8.01 20.68
N TYR B 97 4.15 7.98 19.65
CA TYR B 97 4.00 7.00 18.58
C TYR B 97 4.00 5.57 19.12
N GLU B 98 4.95 5.23 19.98
CA GLU B 98 5.05 3.88 20.55
C GLU B 98 3.88 3.49 21.45
N GLU B 99 3.36 4.48 22.17
CA GLU B 99 2.19 4.27 23.01
C GLU B 99 0.97 3.98 22.14
N SER B 100 0.76 4.80 21.10
CA SER B 100 -0.30 4.55 20.10
C SER B 100 -0.20 3.18 19.41
N ALA B 101 0.99 2.85 18.91
CA ALA B 101 1.23 1.56 18.26
C ALA B 101 0.91 0.42 19.21
N ARG B 102 1.24 0.62 20.48
CA ARG B 102 0.97 -0.33 21.54
C ARG B 102 -0.54 -0.48 21.74
N LEU B 103 -1.23 0.64 21.97
CA LEU B 103 -2.70 0.66 22.16
C LEU B 103 -3.48 0.07 20.98
N LEU B 104 -2.99 0.34 19.78
CA LEU B 104 -3.62 -0.18 18.57
C LEU B 104 -3.33 -1.65 18.28
N ARG B 105 -2.43 -2.25 19.07
CA ARG B 105 -2.01 -3.64 18.89
C ARG B 105 -1.34 -3.90 17.54
N ARG B 106 -0.60 -2.91 17.05
CA ARG B 106 0.06 -3.02 15.77
C ARG B 106 1.37 -2.27 15.74
N PRO B 107 2.49 -3.02 15.83
CA PRO B 107 3.88 -2.52 15.90
C PRO B 107 4.19 -1.47 14.84
N VAL B 108 3.78 -1.73 13.60
CA VAL B 108 4.02 -0.78 12.50
C VAL B 108 2.69 -0.26 11.95
N LEU B 109 2.36 0.97 12.30
CA LEU B 109 1.18 1.62 11.78
C LEU B 109 1.43 2.08 10.35
N ASP B 110 0.36 2.21 9.58
CA ASP B 110 0.47 2.53 8.17
C ASP B 110 0.62 4.05 7.95
N LEU B 111 -0.13 4.84 8.72
CA LEU B 111 0.02 6.29 8.62
C LEU B 111 -0.01 6.93 10.01
N TYR B 112 0.87 7.90 10.21
CA TYR B 112 0.94 8.68 11.43
C TYR B 112 1.03 10.16 11.07
N LEU B 113 0.15 10.94 11.68
CA LEU B 113 -0.07 12.33 11.32
C LEU B 113 0.10 13.22 12.53
N ILE B 114 0.71 14.39 12.33
CA ILE B 114 0.64 15.48 13.31
C ILE B 114 -0.75 16.09 13.17
N HIS B 115 -1.52 16.01 14.26
CA HIS B 115 -2.93 16.38 14.31
C HIS B 115 -3.22 17.85 14.00
N TRP B 116 -2.42 18.77 14.56
CA TRP B 116 -2.55 20.21 14.34
C TRP B 116 -1.16 20.84 14.38
N PRO B 117 -0.87 21.83 13.50
CA PRO B 117 0.46 22.45 13.51
C PRO B 117 0.73 23.22 14.81
N MET B 118 -0.27 23.98 15.25
CA MET B 118 -0.18 24.79 16.47
C MET B 118 1.07 25.66 16.41
N PRO B 119 1.07 26.62 15.46
CA PRO B 119 2.28 27.44 15.19
C PRO B 119 2.86 28.14 16.41
N ALA B 120 2.00 28.50 17.37
CA ALA B 120 2.40 29.27 18.55
C ALA B 120 3.24 28.44 19.52
N GLN B 121 2.94 27.13 19.58
CA GLN B 121 3.76 26.18 20.34
C GLN B 121 5.21 26.17 19.82
N GLY B 122 5.39 26.36 18.51
CA GLY B 122 6.72 26.36 17.91
C GLY B 122 7.41 25.01 18.02
N GLN B 123 6.63 23.94 17.93
CA GLN B 123 7.14 22.59 18.13
C GLN B 123 6.88 21.64 16.97
N TYR B 124 6.27 22.13 15.89
CA TYR B 124 5.81 21.21 14.82
C TYR B 124 6.93 20.80 13.86
N VAL B 125 7.99 21.63 13.79
CA VAL B 125 9.15 21.31 12.97
C VAL B 125 9.89 20.13 13.60
N GLU B 126 10.16 20.21 14.91
CA GLU B 126 10.80 19.10 15.63
C GLU B 126 9.96 17.82 15.63
N THR B 127 8.64 17.98 15.67
CA THR B 127 7.68 16.87 15.61
C THR B 127 7.81 16.13 14.27
N TRP B 128 7.80 16.91 13.18
CA TRP B 128 8.06 16.38 11.83
C TRP B 128 9.38 15.61 11.70
N LYS B 129 10.43 16.11 12.34
CA LYS B 129 11.72 15.42 12.36
C LYS B 129 11.63 14.07 13.09
N ALA B 130 10.82 14.01 14.15
CA ALA B 130 10.56 12.74 14.81
C ALA B 130 9.80 11.81 13.84
N LEU B 131 8.81 12.37 13.12
CA LEU B 131 8.11 11.62 12.08
C LEU B 131 9.05 11.09 11.02
N VAL B 132 9.91 11.96 10.48
CA VAL B 132 10.94 11.61 9.49
C VAL B 132 11.82 10.45 10.01
N GLU B 133 12.21 10.55 11.27
CA GLU B 133 12.96 9.49 11.94
C GLU B 133 12.16 8.18 12.05
N LEU B 134 10.88 8.27 12.44
CA LEU B 134 10.05 7.08 12.54
C LEU B 134 10.03 6.26 11.24
N LYS B 135 9.86 6.94 10.11
CA LYS B 135 9.85 6.32 8.78
C LYS B 135 11.24 5.75 8.39
N LYS B 136 12.27 6.57 8.56
CA LYS B 136 13.66 6.18 8.33
C LYS B 136 14.02 4.89 9.09
N SER B 137 13.62 4.82 10.37
CA SER B 137 13.91 3.66 11.22
C SER B 137 12.99 2.46 10.95
N GLY B 138 11.97 2.67 10.12
CA GLY B 138 10.99 1.64 9.77
C GLY B 138 9.97 1.35 10.85
N ARG B 139 9.79 2.29 11.78
CA ARG B 139 8.79 2.15 12.84
C ARG B 139 7.34 2.42 12.34
N VAL B 140 7.23 3.26 11.31
CA VAL B 140 5.98 3.53 10.62
C VAL B 140 6.20 3.45 9.10
N LYS B 141 5.18 3.00 8.38
CA LYS B 141 5.21 2.99 6.92
C LYS B 141 5.23 4.41 6.34
N SER B 142 4.14 5.16 6.55
CA SER B 142 4.01 6.51 5.98
C SER B 142 3.79 7.60 7.04
N ILE B 143 4.18 8.83 6.70
CA ILE B 143 4.04 9.96 7.61
C ILE B 143 3.37 11.11 6.91
N GLY B 144 2.51 11.80 7.63
CA GLY B 144 1.86 12.96 7.10
C GLY B 144 1.45 13.92 8.19
N VAL B 145 0.58 14.85 7.79
CA VAL B 145 0.12 15.93 8.67
C VAL B 145 -1.38 16.15 8.52
N SER B 146 -1.91 16.97 9.42
CA SER B 146 -3.33 17.28 9.48
C SER B 146 -3.51 18.74 9.90
N ASN B 147 -4.39 19.45 9.19
CA ASN B 147 -4.68 20.86 9.46
C ASN B 147 -3.49 21.80 9.24
N PHE B 148 -2.54 21.39 8.40
CA PHE B 148 -1.38 22.23 8.07
C PHE B 148 -1.73 23.18 6.94
N GLU B 149 -1.41 24.46 7.12
CA GLU B 149 -1.56 25.44 6.05
C GLU B 149 -0.31 25.39 5.19
N SER B 150 -0.37 26.06 4.03
CA SER B 150 0.74 26.04 3.07
C SER B 150 2.07 26.47 3.68
N GLU B 151 2.02 27.49 4.55
CA GLU B 151 3.24 28.03 5.16
C GLU B 151 3.89 27.09 6.19
N HIS B 152 3.07 26.26 6.86
CA HIS B 152 3.58 25.26 7.81
C HIS B 152 4.22 24.11 7.04
N LEU B 153 3.63 23.76 5.90
CA LEU B 153 4.23 22.77 5.00
C LEU B 153 5.56 23.26 4.45
N GLU B 154 5.60 24.48 3.92
CA GLU B 154 6.87 25.08 3.48
C GLU B 154 7.93 24.95 4.58
N ARG B 155 7.57 25.37 5.80
CA ARG B 155 8.44 25.28 6.98
C ARG B 155 9.01 23.89 7.25
N ILE B 156 8.18 22.86 7.26
CA ILE B 156 8.68 21.50 7.59
C ILE B 156 9.48 20.88 6.45
N MET B 157 9.15 21.28 5.21
CA MET B 157 9.85 20.81 4.02
C MET B 157 11.18 21.51 3.83
N ASP B 158 11.24 22.78 4.23
CA ASP B 158 12.49 23.54 4.24
C ASP B 158 13.44 22.95 5.26
N ALA B 159 12.90 22.57 6.42
CA ALA B 159 13.66 22.06 7.54
C ALA B 159 14.32 20.72 7.28
N THR B 160 13.60 19.81 6.62
CA THR B 160 14.01 18.41 6.48
C THR B 160 14.18 17.91 5.05
N GLY B 161 13.56 18.62 4.10
CA GLY B 161 13.48 18.13 2.71
C GLY B 161 12.58 16.92 2.55
N VAL B 162 11.83 16.59 3.61
CA VAL B 162 10.94 15.43 3.62
C VAL B 162 9.47 15.85 3.51
N VAL B 163 8.82 15.39 2.44
CA VAL B 163 7.49 15.83 2.08
C VAL B 163 6.44 14.90 2.68
N PRO B 164 5.46 15.45 3.42
CA PRO B 164 4.36 14.59 3.90
C PRO B 164 3.65 13.94 2.73
N VAL B 165 3.18 12.71 2.91
CA VAL B 165 2.52 12.01 1.80
C VAL B 165 1.08 12.50 1.67
N VAL B 166 0.56 13.02 2.78
CA VAL B 166 -0.82 13.43 2.87
C VAL B 166 -1.01 14.58 3.87
N ASN B 167 -1.97 15.45 3.59
CA ASN B 167 -2.42 16.47 4.52
C ASN B 167 -3.94 16.37 4.65
N GLN B 168 -4.39 15.91 5.83
CA GLN B 168 -5.81 15.72 6.16
C GLN B 168 -6.43 17.01 6.72
N ILE B 169 -7.36 17.57 5.96
CA ILE B 169 -7.94 18.89 6.23
C ILE B 169 -9.47 18.87 6.06
N GLU B 170 -10.16 19.75 6.78
CA GLU B 170 -11.57 20.00 6.57
C GLU B 170 -11.76 20.32 5.10
N LEU B 171 -12.63 19.59 4.44
CA LEU B 171 -12.89 19.75 3.02
C LEU B 171 -14.25 19.15 2.71
N HIS B 172 -15.11 19.99 2.12
CA HIS B 172 -16.47 19.63 1.76
C HIS B 172 -16.98 20.66 0.73
N PRO B 173 -18.12 20.38 0.06
CA PRO B 173 -18.57 21.35 -0.98
C PRO B 173 -18.59 22.86 -0.62
N ASP B 174 -18.94 23.22 0.61
CA ASP B 174 -18.90 24.64 1.04
C ASP B 174 -17.49 25.24 1.28
N PHE B 175 -16.47 24.37 1.33
CA PHE B 175 -15.10 24.81 1.66
C PHE B 175 -14.16 23.86 0.98
N GLN B 176 -13.77 24.19 -0.24
CA GLN B 176 -13.13 23.20 -1.12
C GLN B 176 -11.62 23.28 -1.13
N GLN B 177 -11.05 24.19 -0.33
CA GLN B 177 -9.60 24.26 -0.09
C GLN B 177 -8.82 24.25 -1.42
N ARG B 178 -9.36 24.92 -2.43
CA ARG B 178 -8.81 24.87 -3.78
C ARG B 178 -7.36 25.31 -3.87
N ALA B 179 -7.05 26.43 -3.22
CA ALA B 179 -5.70 26.98 -3.22
C ALA B 179 -4.73 26.10 -2.45
N LEU B 180 -5.16 25.56 -1.30
CA LEU B 180 -4.31 24.61 -0.57
C LEU B 180 -4.09 23.31 -1.38
N ARG B 181 -5.12 22.89 -2.09
CA ARG B 181 -5.04 21.77 -3.02
C ARG B 181 -4.08 22.03 -4.20
N GLU B 182 -4.03 23.27 -4.69
CA GLU B 182 -3.04 23.66 -5.72
C GLU B 182 -1.60 23.55 -5.21
N PHE B 183 -1.41 23.97 -3.95
CA PHE B 183 -0.14 23.81 -3.24
C PHE B 183 0.23 22.33 -3.02
N HIS B 184 -0.77 21.49 -2.72
CA HIS B 184 -0.56 20.04 -2.59
C HIS B 184 -0.05 19.44 -3.92
N GLU B 185 -0.80 19.68 -4.99
CA GLU B 185 -0.47 19.23 -6.35
C GLU B 185 1.01 19.51 -6.66
N LYS B 186 1.46 20.71 -6.30
CA LYS B 186 2.81 21.21 -6.60
C LYS B 186 3.94 20.45 -5.91
N HIS B 187 3.62 19.78 -4.81
CA HIS B 187 4.63 19.08 -4.01
C HIS B 187 4.30 17.60 -3.89
N ASN B 188 3.42 17.15 -4.79
CA ASN B 188 2.94 15.75 -4.84
C ASN B 188 2.38 15.25 -3.50
N ILE B 189 1.65 16.10 -2.79
CA ILE B 189 1.00 15.74 -1.53
C ILE B 189 -0.47 15.43 -1.79
N ARG B 190 -0.95 14.34 -1.20
CA ARG B 190 -2.34 13.97 -1.34
C ARG B 190 -3.17 14.65 -0.25
N THR B 191 -4.40 14.99 -0.62
CA THR B 191 -5.37 15.59 0.27
C THR B 191 -6.33 14.51 0.76
N GLU B 192 -6.54 14.53 2.08
CA GLU B 192 -7.48 13.68 2.76
C GLU B 192 -8.42 14.61 3.46
N SER B 193 -9.68 14.59 3.03
CA SER B 193 -10.66 15.53 3.57
C SER B 193 -11.38 14.94 4.77
N TRP B 194 -11.25 15.59 5.93
CA TRP B 194 -12.18 15.36 7.04
C TRP B 194 -13.32 16.36 6.94
N ARG B 195 -14.35 16.15 7.76
CA ARG B 195 -15.69 16.78 7.58
C ARG B 195 -16.21 16.65 6.16
N PRO B 196 -16.14 15.45 5.56
CA PRO B 196 -16.44 15.40 4.13
C PRO B 196 -17.85 15.85 3.81
N LEU B 197 -18.74 15.75 4.80
CA LEU B 197 -20.13 16.07 4.60
C LEU B 197 -20.54 17.44 5.15
N GLY B 198 -19.55 18.20 5.63
CA GLY B 198 -19.78 19.53 6.21
C GLY B 198 -20.81 19.57 7.32
N LYS B 199 -20.70 18.62 8.25
CA LYS B 199 -21.65 18.46 9.39
C LYS B 199 -23.09 18.14 8.98
N GLY B 200 -23.27 17.65 7.75
CA GLY B 200 -24.60 17.42 7.17
C GLY B 200 -25.27 18.62 6.49
N ARG B 201 -24.56 19.75 6.41
CA ARG B 201 -25.11 20.97 5.81
C ARG B 201 -25.61 20.77 4.35
N VAL B 202 -24.82 20.00 3.58
CA VAL B 202 -25.10 19.65 2.17
C VAL B 202 -26.26 18.69 1.93
N LEU B 203 -26.60 17.88 2.93
CA LEU B 203 -27.60 16.82 2.81
C LEU B 203 -29.00 17.32 2.42
N SER B 204 -29.29 18.60 2.70
CA SER B 204 -30.55 19.21 2.25
C SER B 204 -30.38 20.33 1.19
N ASP B 205 -29.16 20.51 0.70
CA ASP B 205 -28.91 21.47 -0.38
C ASP B 205 -29.58 21.02 -1.70
N GLU B 206 -30.32 21.94 -2.32
CA GLU B 206 -31.13 21.65 -3.51
C GLU B 206 -30.30 21.31 -4.74
N ARG B 207 -29.09 21.85 -4.83
CA ARG B 207 -28.19 21.54 -5.94
C ARG B 207 -27.66 20.10 -5.82
N ILE B 208 -27.30 19.70 -4.60
CA ILE B 208 -26.98 18.30 -4.27
C ILE B 208 -28.22 17.43 -4.46
N GLY B 209 -29.38 17.98 -4.10
CA GLY B 209 -30.67 17.35 -4.31
C GLY B 209 -30.93 16.95 -5.75
N LYS B 210 -30.66 17.87 -6.69
CA LYS B 210 -30.92 17.63 -8.10
C LYS B 210 -29.99 16.56 -8.71
N ILE B 211 -28.73 16.59 -8.29
CA ILE B 211 -27.70 15.64 -8.74
C ILE B 211 -27.92 14.21 -8.19
N ALA B 212 -28.44 14.11 -6.97
CA ALA B 212 -28.75 12.81 -6.37
C ALA B 212 -29.94 12.16 -7.04
N GLU B 213 -30.95 12.97 -7.34
CA GLU B 213 -32.16 12.52 -8.02
C GLU B 213 -31.87 12.03 -9.45
N LYS B 214 -30.92 12.71 -10.10
CA LYS B 214 -30.48 12.39 -11.46
C LYS B 214 -29.78 11.04 -11.54
N HIS B 215 -28.99 10.70 -10.52
CA HIS B 215 -28.21 9.46 -10.51
C HIS B 215 -28.84 8.35 -9.68
N SER B 216 -30.02 8.61 -9.11
CA SER B 216 -30.71 7.68 -8.21
C SER B 216 -29.84 7.19 -7.06
N ARG B 217 -29.00 8.10 -6.54
CA ARG B 217 -28.19 7.86 -5.35
C ARG B 217 -28.61 8.89 -4.28
N THR B 218 -28.06 8.79 -3.08
CA THR B 218 -28.37 9.73 -1.99
C THR B 218 -27.43 10.95 -2.04
N PRO B 219 -27.86 12.09 -1.45
CA PRO B 219 -27.04 13.27 -1.20
C PRO B 219 -25.62 13.01 -0.64
N ALA B 220 -25.49 12.21 0.42
CA ALA B 220 -24.15 11.87 0.95
C ALA B 220 -23.29 11.09 -0.06
N GLN B 221 -23.89 10.16 -0.78
CA GLN B 221 -23.18 9.42 -1.84
C GLN B 221 -22.70 10.34 -2.95
N VAL B 222 -23.49 11.36 -3.29
CA VAL B 222 -23.09 12.33 -4.30
C VAL B 222 -21.85 13.09 -3.82
N VAL B 223 -21.88 13.54 -2.57
CA VAL B 223 -20.80 14.30 -1.96
C VAL B 223 -19.50 13.49 -1.89
N ILE B 224 -19.61 12.26 -1.41
CA ILE B 224 -18.46 11.36 -1.27
C ILE B 224 -17.84 11.08 -2.64
N ARG B 225 -18.69 10.83 -3.64
CA ARG B 225 -18.26 10.65 -5.04
C ARG B 225 -17.47 11.85 -5.56
N TRP B 226 -17.95 13.04 -5.24
CA TRP B 226 -17.29 14.29 -5.63
C TRP B 226 -15.87 14.35 -5.05
N HIS B 227 -15.73 13.95 -3.78
CA HIS B 227 -14.45 13.85 -3.10
C HIS B 227 -13.57 12.83 -3.84
N LEU B 228 -14.17 11.71 -4.25
CA LEU B 228 -13.45 10.61 -4.90
C LEU B 228 -12.98 11.01 -6.29
N GLN B 229 -13.84 11.68 -7.03
CA GLN B 229 -13.49 12.13 -8.38
C GLN B 229 -12.50 13.28 -8.39
N ASN B 230 -12.38 13.98 -7.28
CA ASN B 230 -11.36 15.00 -7.10
C ASN B 230 -9.97 14.42 -6.76
N GLY B 231 -9.88 13.09 -6.67
CA GLY B 231 -8.66 12.38 -6.23
C GLY B 231 -8.40 12.44 -4.73
N LEU B 232 -9.45 12.66 -3.94
CA LEU B 232 -9.29 12.84 -2.52
C LEU B 232 -9.50 11.53 -1.77
N ILE B 233 -8.75 11.33 -0.70
CA ILE B 233 -9.01 10.27 0.29
C ILE B 233 -10.09 10.81 1.23
N VAL B 234 -11.11 9.99 1.51
CA VAL B 234 -12.31 10.49 2.17
C VAL B 234 -12.52 9.70 3.42
N ILE B 235 -12.58 10.36 4.57
CA ILE B 235 -12.91 9.65 5.79
C ILE B 235 -14.21 10.18 6.43
N PRO B 236 -15.37 9.65 5.98
CA PRO B 236 -16.57 10.05 6.70
C PRO B 236 -16.58 9.48 8.12
N LYS B 237 -16.96 10.32 9.09
CA LYS B 237 -17.42 9.87 10.40
C LYS B 237 -18.73 9.11 10.18
N SER B 238 -19.04 8.16 11.04
CA SER B 238 -20.35 7.49 11.03
C SER B 238 -20.42 6.39 12.07
N VAL B 239 -21.49 6.42 12.86
CA VAL B 239 -21.75 5.44 13.91
C VAL B 239 -23.03 4.64 13.57
N ASN B 240 -23.83 5.20 12.66
CA ASN B 240 -24.99 4.51 12.09
C ASN B 240 -24.49 3.47 11.06
N PRO B 241 -24.81 2.18 11.28
CA PRO B 241 -24.57 1.06 10.32
C PRO B 241 -25.39 1.10 9.02
N LYS B 242 -26.47 1.86 8.99
CA LYS B 242 -27.22 2.11 7.75
C LYS B 242 -26.44 3.10 6.89
N ARG B 243 -25.96 4.16 7.53
CA ARG B 243 -25.17 5.19 6.86
C ARG B 243 -23.74 4.74 6.57
N LEU B 244 -23.24 3.77 7.36
CA LEU B 244 -21.98 3.07 7.07
C LEU B 244 -22.04 2.32 5.74
N ALA B 245 -23.16 1.66 5.47
CA ALA B 245 -23.39 0.95 4.20
C ALA B 245 -23.49 1.90 3.02
N GLU B 246 -24.36 2.89 3.16
CA GLU B 246 -24.66 3.84 2.09
C GLU B 246 -23.43 4.66 1.71
N ASN B 247 -22.68 5.11 2.73
CA ASN B 247 -21.46 5.89 2.50
C ASN B 247 -20.34 5.19 1.76
N LEU B 248 -20.40 3.86 1.70
CA LEU B 248 -19.40 3.03 0.99
C LEU B 248 -19.86 2.64 -0.42
N ASP B 249 -21.18 2.66 -0.66
CA ASP B 249 -21.75 2.33 -1.95
C ASP B 249 -21.61 3.50 -2.94
N VAL B 250 -20.37 3.84 -3.28
CA VAL B 250 -20.07 5.06 -4.03
C VAL B 250 -19.22 4.80 -5.29
N PHE B 251 -19.10 3.52 -5.68
CA PHE B 251 -18.25 3.11 -6.80
C PHE B 251 -19.07 2.55 -7.95
N GLY B 252 -20.40 2.78 -7.92
CA GLY B 252 -21.27 2.31 -8.98
C GLY B 252 -21.81 3.40 -9.89
N PHE B 253 -21.25 4.60 -9.80
CA PHE B 253 -21.64 5.71 -10.68
C PHE B 253 -20.54 6.76 -10.85
N VAL B 254 -20.69 7.61 -11.87
CA VAL B 254 -19.78 8.74 -12.11
C VAL B 254 -20.53 10.07 -12.18
N LEU B 255 -19.99 11.09 -11.52
CA LEU B 255 -20.49 12.45 -11.71
C LEU B 255 -19.84 13.03 -12.97
N ASP B 256 -20.65 13.53 -13.92
CA ASP B 256 -20.11 14.16 -15.14
C ASP B 256 -19.54 15.57 -14.89
N ALA B 257 -19.00 16.18 -15.94
CA ALA B 257 -18.42 17.53 -15.86
C ALA B 257 -19.41 18.61 -15.42
N ASP B 258 -20.68 18.43 -15.77
CA ASP B 258 -21.73 19.34 -15.37
C ASP B 258 -22.05 19.17 -13.89
N ASP B 259 -22.15 17.93 -13.42
CA ASP B 259 -22.32 17.65 -11.97
C ASP B 259 -21.18 18.24 -11.17
N MET B 260 -19.95 17.97 -11.64
CA MET B 260 -18.72 18.43 -10.99
C MET B 260 -18.64 19.95 -10.90
N GLN B 261 -18.97 20.61 -11.99
CA GLN B 261 -19.00 22.06 -12.07
C GLN B 261 -20.05 22.65 -11.14
N ALA B 262 -21.22 22.01 -11.09
CA ALA B 262 -22.31 22.46 -10.21
C ALA B 262 -21.91 22.46 -8.74
N ILE B 263 -21.23 21.41 -8.30
CA ILE B 263 -20.70 21.35 -6.91
C ILE B 263 -19.56 22.36 -6.67
N GLU B 264 -18.73 22.58 -7.69
CA GLU B 264 -17.67 23.57 -7.62
C GLU B 264 -18.24 24.97 -7.36
N GLN B 265 -19.46 25.20 -7.84
CA GLN B 265 -20.15 26.49 -7.66
C GLN B 265 -20.61 26.72 -6.23
N MET B 266 -20.48 25.69 -5.39
CA MET B 266 -20.94 25.76 -3.99
C MET B 266 -19.90 26.32 -3.02
N ASP B 267 -18.64 26.34 -3.46
CA ASP B 267 -17.56 26.89 -2.66
C ASP B 267 -17.91 28.30 -2.14
N ARG B 268 -17.92 28.42 -0.81
CA ARG B 268 -18.21 29.69 -0.16
C ARG B 268 -16.93 30.40 0.25
N LYS B 269 -17.04 31.73 0.34
CA LYS B 269 -15.94 32.58 0.78
C LYS B 269 -15.61 32.41 2.27
N ASP B 270 -16.60 31.95 3.02
CA ASP B 270 -16.47 31.67 4.46
C ASP B 270 -17.18 30.34 4.80
N GLY B 271 -16.60 29.24 4.33
CA GLY B 271 -17.20 27.92 4.48
C GLY B 271 -16.64 27.05 5.60
N ARG B 272 -15.58 27.53 6.27
CA ARG B 272 -14.91 26.73 7.30
C ARG B 272 -15.84 26.61 8.48
N MET B 273 -16.01 25.38 8.96
CA MET B 273 -16.94 25.12 10.06
C MET B 273 -16.22 24.84 11.36
N GLY B 274 -15.00 24.31 11.26
CA GLY B 274 -14.20 23.99 12.43
C GLY B 274 -13.10 25.00 12.66
N ALA B 275 -12.08 24.60 13.42
CA ALA B 275 -11.01 25.51 13.80
C ALA B 275 -10.09 25.88 12.63
N ASP B 276 -9.69 27.15 12.65
CA ASP B 276 -8.63 27.67 11.81
C ASP B 276 -7.31 27.20 12.39
N PRO B 277 -6.50 26.45 11.61
CA PRO B 277 -5.18 25.99 12.04
C PRO B 277 -4.28 27.10 12.61
N ASN B 278 -4.34 28.29 12.01
CA ASN B 278 -3.56 29.46 12.45
C ASN B 278 -3.92 30.01 13.83
N THR B 279 -5.16 29.80 14.29
CA THR B 279 -5.58 30.32 15.61
C THR B 279 -6.08 29.25 16.61
N ALA B 280 -6.19 28.01 16.16
CA ALA B 280 -6.71 26.92 16.99
C ALA B 280 -6.02 26.89 18.36
N LYS B 281 -6.84 26.74 19.41
CA LYS B 281 -6.36 26.65 20.79
C LYS B 281 -7.31 25.73 21.55
N PHE B 282 -6.76 24.69 22.18
CA PHE B 282 -7.52 23.75 22.99
C PHE B 282 -7.13 23.85 24.46
#